data_2LBD
#
_entry.id   2LBD
#
_cell.length_a   60.600
_cell.length_b   60.600
_cell.length_c   155.300
_cell.angle_alpha   90.00
_cell.angle_beta   90.00
_cell.angle_gamma   90.00
#
_symmetry.space_group_name_H-M   'P 41 21 2'
#
loop_
_entity.id
_entity.type
_entity.pdbx_description
1 polymer 'RETINOIC ACID RECEPTOR GAMMA'
2 non-polymer 'RETINOIC ACID'
3 water water
#
_entity_poly.entity_id   1
_entity_poly.type   'polypeptide(L)'
_entity_poly.pdbx_seq_one_letter_code
;MGSSHHHHHHSSGLVPRGSHMDSYELSPQLEELITKVSKAHQETFPSLCQLGKYTTNSSADHRVQLDLGLWDKFSELATK
CIIKIVEFAKRLPGFTGLSIADQITLLKAACLDILMLRICTRYTPEQDTMTFSDGLTLNRTQMHNAGFGPLTDLVFAFAG
QLLPLEMDDTETGLLSAICLICGDRMDLEEPEKVDKLQEPLLEALRLYARRRRPSQPYMFPRMLMKITDLRGISTKGAER
AITLKMEIPGPMPPLIREMLENPEMFE
;
_entity_poly.pdbx_strand_id   A
#
# COMPACT_ATOMS: atom_id res chain seq x y z
N LEU A 26 17.92 20.86 -7.31
CA LEU A 26 18.91 20.47 -8.36
C LEU A 26 18.27 19.38 -9.22
N SER A 27 18.67 19.31 -10.49
CA SER A 27 18.15 18.27 -11.36
C SER A 27 18.82 16.99 -10.88
N PRO A 28 20.14 17.05 -10.62
CA PRO A 28 20.81 15.83 -10.16
C PRO A 28 20.26 15.34 -8.86
N GLN A 29 19.93 16.27 -7.97
CA GLN A 29 19.35 15.94 -6.66
C GLN A 29 18.04 15.18 -6.85
N LEU A 30 17.19 15.71 -7.71
CA LEU A 30 15.92 15.08 -8.01
C LEU A 30 16.15 13.72 -8.66
N GLU A 31 17.16 13.59 -9.50
CA GLU A 31 17.41 12.32 -10.14
C GLU A 31 17.76 11.28 -9.12
N GLU A 32 18.55 11.65 -8.11
CA GLU A 32 18.94 10.68 -7.09
C GLU A 32 17.83 10.32 -6.10
N LEU A 33 16.93 11.25 -5.82
CA LEU A 33 15.81 11.00 -4.92
C LEU A 33 14.93 9.93 -5.59
N ILE A 34 14.78 10.04 -6.90
CA ILE A 34 13.99 9.11 -7.68
C ILE A 34 14.58 7.70 -7.57
N THR A 35 15.89 7.60 -7.72
CA THR A 35 16.61 6.33 -7.62
C THR A 35 16.53 5.75 -6.22
N LYS A 36 16.76 6.57 -5.20
CA LYS A 36 16.69 6.11 -3.84
C LYS A 36 15.31 5.57 -3.51
N VAL A 37 14.27 6.38 -3.68
CA VAL A 37 12.92 5.93 -3.41
C VAL A 37 12.62 4.66 -4.19
N SER A 38 12.92 4.67 -5.48
CA SER A 38 12.67 3.51 -6.34
C SER A 38 13.25 2.23 -5.77
N LYS A 39 14.52 2.27 -5.42
CA LYS A 39 15.26 1.16 -4.84
C LYS A 39 14.69 0.70 -3.51
N ALA A 40 14.36 1.64 -2.63
CA ALA A 40 13.80 1.26 -1.34
C ALA A 40 12.48 0.52 -1.60
N HIS A 41 11.69 0.99 -2.57
CA HIS A 41 10.45 0.31 -2.87
C HIS A 41 10.72 -1.10 -3.43
N GLN A 42 11.60 -1.21 -4.42
CA GLN A 42 11.87 -2.50 -5.00
C GLN A 42 12.38 -3.50 -3.95
N GLU A 43 13.31 -3.04 -3.14
CA GLU A 43 13.91 -3.86 -2.09
C GLU A 43 12.96 -4.29 -1.00
N THR A 44 11.88 -3.54 -0.78
CA THR A 44 10.91 -3.89 0.25
C THR A 44 9.59 -4.44 -0.35
N PHE A 45 9.52 -4.52 -1.67
CA PHE A 45 8.32 -5.04 -2.31
C PHE A 45 8.57 -5.60 -3.68
N PRO A 46 8.71 -6.93 -3.78
CA PRO A 46 8.95 -7.67 -5.03
C PRO A 46 7.83 -7.46 -6.02
N SER A 47 8.19 -7.30 -7.30
CA SER A 47 7.17 -7.11 -8.32
C SER A 47 6.58 -8.49 -8.60
N LEU A 48 5.37 -8.50 -9.13
CA LEU A 48 4.67 -9.74 -9.43
C LEU A 48 5.53 -10.71 -10.23
N CYS A 49 6.25 -10.15 -11.19
CA CYS A 49 7.13 -10.87 -12.10
C CYS A 49 8.26 -11.63 -11.43
N GLN A 50 8.71 -11.13 -10.30
CA GLN A 50 9.80 -11.76 -9.57
C GLN A 50 9.28 -12.86 -8.66
N LEU A 51 7.96 -12.96 -8.54
CA LEU A 51 7.44 -13.93 -7.62
C LEU A 51 7.15 -15.32 -8.11
N GLY A 52 7.60 -16.28 -7.29
CA GLY A 52 7.34 -17.67 -7.56
C GLY A 52 5.93 -17.83 -7.03
N LYS A 53 4.95 -17.72 -7.93
CA LYS A 53 3.56 -17.83 -7.55
C LYS A 53 3.18 -19.24 -7.17
N TYR A 54 2.39 -19.35 -6.12
CA TYR A 54 1.88 -20.64 -5.67
C TYR A 54 0.47 -20.38 -5.15
N THR A 55 -0.32 -21.43 -5.11
CA THR A 55 -1.71 -21.33 -4.71
C THR A 55 -2.11 -22.17 -3.49
N THR A 56 -3.39 -22.13 -3.15
CA THR A 56 -3.93 -22.91 -2.06
C THR A 56 -5.33 -23.35 -2.51
N ASN A 57 -5.82 -24.47 -1.96
CA ASN A 57 -7.16 -24.92 -2.32
C ASN A 57 -8.20 -24.46 -1.32
N SER A 58 -7.75 -23.85 -0.23
CA SER A 58 -8.70 -23.35 0.78
C SER A 58 -9.79 -22.46 0.20
N SER A 59 -11.03 -22.75 0.59
CA SER A 59 -12.22 -22.03 0.18
C SER A 59 -12.10 -21.27 -1.12
N ALA A 60 -11.63 -21.98 -2.14
CA ALA A 60 -11.50 -21.46 -3.48
C ALA A 60 -12.88 -21.64 -4.10
N ASP A 61 -13.63 -22.57 -3.51
CA ASP A 61 -14.99 -22.98 -3.87
C ASP A 61 -15.91 -21.77 -4.03
N HIS A 62 -16.33 -21.21 -2.89
CA HIS A 62 -17.26 -20.08 -2.87
C HIS A 62 -17.02 -19.26 -1.62
N ARG A 63 -17.69 -18.12 -1.54
CA ARG A 63 -17.54 -17.21 -0.43
C ARG A 63 -18.24 -17.61 0.88
N VAL A 64 -17.50 -17.54 1.97
CA VAL A 64 -18.04 -17.83 3.30
C VAL A 64 -17.73 -16.58 4.11
N GLN A 65 -18.30 -16.45 5.30
CA GLN A 65 -18.05 -15.28 6.12
C GLN A 65 -16.55 -15.05 6.38
N LEU A 66 -15.81 -16.12 6.65
CA LEU A 66 -14.40 -16.01 6.96
C LEU A 66 -13.74 -17.38 7.04
N ASP A 67 -12.59 -17.53 6.36
CA ASP A 67 -11.82 -18.80 6.41
C ASP A 67 -10.62 -18.49 7.31
N LEU A 68 -10.63 -19.08 8.48
CA LEU A 68 -9.59 -18.85 9.46
C LEU A 68 -8.21 -19.30 9.03
N GLY A 69 -8.12 -20.41 8.34
CA GLY A 69 -6.84 -20.86 7.89
C GLY A 69 -6.28 -19.79 6.97
N LEU A 70 -7.15 -19.17 6.18
CA LEU A 70 -6.77 -18.11 5.24
C LEU A 70 -6.48 -16.77 5.94
N TRP A 71 -7.32 -16.39 6.90
CA TRP A 71 -7.08 -15.17 7.65
C TRP A 71 -5.75 -15.29 8.38
N ASP A 72 -5.41 -16.52 8.78
CA ASP A 72 -4.15 -16.77 9.46
C ASP A 72 -2.94 -16.53 8.59
N LYS A 73 -2.96 -17.07 7.39
CA LYS A 73 -1.86 -16.88 6.45
C LYS A 73 -1.81 -15.39 6.10
N PHE A 74 -3.01 -14.82 5.94
CA PHE A 74 -3.23 -13.42 5.58
C PHE A 74 -2.68 -12.41 6.58
N SER A 75 -3.02 -12.56 7.84
CA SER A 75 -2.57 -11.65 8.88
C SER A 75 -1.06 -11.73 9.08
N GLU A 76 -0.48 -12.89 8.79
CA GLU A 76 0.96 -13.11 8.91
C GLU A 76 1.64 -12.32 7.81
N LEU A 77 1.14 -12.48 6.59
CA LEU A 77 1.65 -11.78 5.42
C LEU A 77 1.42 -10.27 5.55
N ALA A 78 0.32 -9.87 6.17
CA ALA A 78 0.06 -8.46 6.35
C ALA A 78 1.09 -7.90 7.38
N THR A 79 1.28 -8.61 8.49
CA THR A 79 2.24 -8.19 9.50
C THR A 79 3.66 -8.03 8.93
N LYS A 80 4.09 -8.98 8.11
N LYS A 80 4.10 -8.98 8.12
CA LYS A 80 5.42 -8.89 7.52
CA LYS A 80 5.43 -8.87 7.54
C LYS A 80 5.46 -7.74 6.54
C LYS A 80 5.47 -7.72 6.55
N CYS A 81 4.31 -7.41 5.96
CA CYS A 81 4.25 -6.32 5.03
C CYS A 81 4.42 -5.00 5.78
N ILE A 82 3.74 -4.85 6.90
CA ILE A 82 3.84 -3.63 7.68
C ILE A 82 5.29 -3.33 8.07
N ILE A 83 6.01 -4.37 8.43
CA ILE A 83 7.42 -4.25 8.79
C ILE A 83 8.17 -3.78 7.54
N LYS A 84 7.81 -4.30 6.37
CA LYS A 84 8.50 -3.88 5.16
C LYS A 84 8.17 -2.44 4.79
N ILE A 85 7.00 -1.95 5.21
CA ILE A 85 6.59 -0.58 4.93
C ILE A 85 7.40 0.36 5.83
N VAL A 86 7.59 -0.06 7.09
CA VAL A 86 8.37 0.71 8.06
C VAL A 86 9.81 0.80 7.56
N GLU A 87 10.33 -0.31 7.05
CA GLU A 87 11.69 -0.32 6.49
C GLU A 87 11.79 0.65 5.30
N PHE A 88 10.76 0.64 4.46
CA PHE A 88 10.66 1.51 3.28
C PHE A 88 10.65 2.97 3.73
N ALA A 89 9.82 3.28 4.73
CA ALA A 89 9.71 4.64 5.28
C ALA A 89 11.06 5.11 5.82
N LYS A 90 11.73 4.26 6.60
CA LYS A 90 13.03 4.58 7.17
C LYS A 90 14.10 4.89 6.13
N ARG A 91 13.88 4.45 4.89
CA ARG A 91 14.81 4.67 3.79
C ARG A 91 14.51 5.88 2.91
N LEU A 92 13.39 6.56 3.16
CA LEU A 92 13.02 7.74 2.41
C LEU A 92 13.80 8.92 3.00
N PRO A 93 14.40 9.75 2.14
CA PRO A 93 15.16 10.90 2.64
C PRO A 93 14.44 11.78 3.63
N GLY A 94 15.08 11.99 4.78
CA GLY A 94 14.55 12.85 5.84
C GLY A 94 13.50 12.30 6.77
N PHE A 95 12.99 11.10 6.49
CA PHE A 95 11.94 10.50 7.33
C PHE A 95 12.50 10.36 8.72
N THR A 96 13.63 9.68 8.76
CA THR A 96 14.36 9.41 9.95
C THR A 96 14.78 10.68 10.69
N GLY A 97 14.57 11.82 10.05
CA GLY A 97 14.92 13.10 10.66
C GLY A 97 13.79 13.73 11.47
N LEU A 98 12.60 13.16 11.36
CA LEU A 98 11.42 13.64 12.08
C LEU A 98 11.49 13.10 13.52
N SER A 99 10.67 13.59 14.43
CA SER A 99 10.72 13.04 15.76
C SER A 99 10.01 11.69 15.75
N ILE A 100 10.38 10.84 16.71
CA ILE A 100 9.82 9.50 16.82
C ILE A 100 8.30 9.59 16.84
N ALA A 101 7.77 10.59 17.55
CA ALA A 101 6.32 10.77 17.62
C ALA A 101 5.78 10.87 16.20
N ASP A 102 6.37 11.76 15.42
CA ASP A 102 5.92 11.99 14.07
C ASP A 102 6.06 10.79 13.15
N GLN A 103 7.21 10.12 13.20
CA GLN A 103 7.45 8.95 12.36
C GLN A 103 6.33 7.93 12.56
N ILE A 104 5.93 7.73 13.82
CA ILE A 104 4.87 6.79 14.18
C ILE A 104 3.52 7.30 13.72
N THR A 105 3.26 8.60 13.90
CA THR A 105 2.01 9.21 13.47
C THR A 105 1.84 8.98 11.96
N LEU A 106 2.85 9.32 11.17
CA LEU A 106 2.75 9.12 9.73
C LEU A 106 2.57 7.66 9.34
N LEU A 107 3.30 6.79 10.01
CA LEU A 107 3.23 5.37 9.71
C LEU A 107 1.84 4.85 10.02
N LYS A 108 1.30 5.21 11.17
CA LYS A 108 -0.04 4.75 11.54
C LYS A 108 -1.11 5.25 10.56
N ALA A 109 -1.02 6.52 10.22
CA ALA A 109 -1.98 7.15 9.32
C ALA A 109 -1.97 6.72 7.85
N ALA A 110 -0.84 6.26 7.35
CA ALA A 110 -0.72 5.85 5.93
C ALA A 110 -0.49 4.37 5.68
N CYS A 111 -0.23 3.61 6.74
CA CYS A 111 0.07 2.20 6.59
C CYS A 111 -0.97 1.37 5.82
N LEU A 112 -2.25 1.54 6.16
CA LEU A 112 -3.30 0.81 5.47
C LEU A 112 -3.37 1.26 4.02
N ASP A 113 -3.29 2.58 3.78
CA ASP A 113 -3.32 3.08 2.41
C ASP A 113 -2.30 2.32 1.57
N ILE A 114 -1.04 2.34 2.02
CA ILE A 114 0.06 1.67 1.29
C ILE A 114 -0.12 0.16 1.16
N LEU A 115 -0.61 -0.50 2.21
CA LEU A 115 -0.85 -1.94 2.16
C LEU A 115 -1.85 -2.18 1.02
N MET A 116 -2.84 -1.30 0.89
CA MET A 116 -3.86 -1.40 -0.16
C MET A 116 -3.26 -1.12 -1.54
N LEU A 117 -2.43 -0.11 -1.64
CA LEU A 117 -1.82 0.17 -2.92
C LEU A 117 -0.99 -1.03 -3.34
N ARG A 118 -0.24 -1.59 -2.40
CA ARG A 118 0.63 -2.73 -2.64
C ARG A 118 -0.09 -3.94 -3.19
N ILE A 119 -1.07 -4.52 -2.50
CA ILE A 119 -1.75 -5.68 -3.09
C ILE A 119 -2.47 -5.38 -4.39
N CYS A 120 -3.02 -4.17 -4.55
CA CYS A 120 -3.71 -3.79 -5.77
C CYS A 120 -2.77 -3.71 -6.98
N THR A 121 -1.47 -3.53 -6.76
CA THR A 121 -0.52 -3.50 -7.86
C THR A 121 -0.08 -4.94 -8.20
N ARG A 122 -0.44 -5.89 -7.33
CA ARG A 122 -0.15 -7.32 -7.49
C ARG A 122 -1.38 -8.09 -8.06
N TYR A 123 -2.19 -7.39 -8.84
CA TYR A 123 -3.38 -7.97 -9.39
C TYR A 123 -3.20 -8.40 -10.83
N THR A 124 -3.72 -9.60 -11.12
CA THR A 124 -3.68 -10.19 -12.46
C THR A 124 -5.09 -10.22 -12.97
N PRO A 125 -5.41 -9.35 -13.93
CA PRO A 125 -6.74 -9.30 -14.49
C PRO A 125 -7.13 -10.65 -15.08
N GLU A 126 -6.24 -11.26 -15.86
CA GLU A 126 -6.49 -12.56 -16.52
C GLU A 126 -7.10 -13.65 -15.60
N GLN A 127 -6.48 -13.84 -14.46
CA GLN A 127 -6.89 -14.83 -13.49
C GLN A 127 -7.77 -14.27 -12.40
N ASP A 128 -7.89 -12.94 -12.35
CA ASP A 128 -8.67 -12.26 -11.31
C ASP A 128 -8.09 -12.66 -9.94
N THR A 129 -6.78 -12.51 -9.81
CA THR A 129 -6.07 -12.84 -8.58
C THR A 129 -5.18 -11.69 -8.12
N MET A 130 -4.68 -11.84 -6.88
CA MET A 130 -3.74 -10.92 -6.24
C MET A 130 -2.67 -11.79 -5.58
N THR A 131 -1.42 -11.37 -5.73
CA THR A 131 -0.28 -12.10 -5.19
C THR A 131 0.41 -11.32 -4.08
N PHE A 132 0.67 -12.00 -2.97
CA PHE A 132 1.31 -11.42 -1.81
C PHE A 132 2.81 -11.59 -2.01
N SER A 133 3.63 -11.03 -1.11
CA SER A 133 5.09 -11.09 -1.23
C SER A 133 5.80 -12.41 -1.15
N ASP A 134 5.13 -13.47 -0.72
CA ASP A 134 5.79 -14.76 -0.69
C ASP A 134 5.43 -15.58 -1.96
N GLY A 135 4.54 -15.03 -2.77
CA GLY A 135 4.11 -15.71 -3.98
C GLY A 135 2.69 -16.23 -3.84
N LEU A 136 2.17 -16.28 -2.62
CA LEU A 136 0.81 -16.75 -2.43
C LEU A 136 -0.14 -15.94 -3.31
N THR A 137 -0.81 -16.61 -4.23
CA THR A 137 -1.75 -16.02 -5.18
C THR A 137 -3.15 -16.51 -4.86
N LEU A 138 -4.04 -15.62 -4.44
CA LEU A 138 -5.41 -16.01 -4.10
C LEU A 138 -6.39 -15.42 -5.10
N ASN A 139 -7.41 -16.18 -5.46
CA ASN A 139 -8.42 -15.63 -6.37
C ASN A 139 -9.36 -14.71 -5.58
N ARG A 140 -10.31 -14.09 -6.26
CA ARG A 140 -11.26 -13.17 -5.61
C ARG A 140 -12.05 -13.77 -4.47
N THR A 141 -12.48 -15.00 -4.64
CA THR A 141 -13.24 -15.68 -3.63
C THR A 141 -12.39 -15.84 -2.38
N GLN A 142 -11.14 -16.26 -2.57
CA GLN A 142 -10.22 -16.44 -1.46
C GLN A 142 -9.85 -15.11 -0.76
N MET A 143 -9.70 -14.01 -1.51
CA MET A 143 -9.40 -12.71 -0.88
C MET A 143 -10.57 -12.40 0.04
N HIS A 144 -11.78 -12.69 -0.44
CA HIS A 144 -13.00 -12.47 0.33
C HIS A 144 -12.97 -13.29 1.61
N ASN A 145 -12.70 -14.59 1.44
CA ASN A 145 -12.65 -15.55 2.54
C ASN A 145 -11.56 -15.27 3.51
N ALA A 146 -10.50 -14.63 3.03
CA ALA A 146 -9.36 -14.30 3.88
C ALA A 146 -9.63 -13.16 4.87
N GLY A 147 -10.74 -12.45 4.72
CA GLY A 147 -11.01 -11.37 5.63
C GLY A 147 -11.55 -10.09 4.99
N PHE A 148 -11.40 -9.93 3.68
CA PHE A 148 -11.89 -8.70 3.05
C PHE A 148 -13.40 -8.57 3.11
N GLY A 149 -14.09 -9.69 3.27
CA GLY A 149 -15.54 -9.69 3.37
C GLY A 149 -16.28 -8.87 2.33
N PRO A 150 -17.28 -8.08 2.72
CA PRO A 150 -18.05 -7.26 1.78
C PRO A 150 -17.27 -6.14 1.08
N LEU A 151 -15.95 -6.10 1.27
CA LEU A 151 -15.14 -5.06 0.69
C LEU A 151 -14.27 -5.55 -0.45
N THR A 152 -14.26 -6.85 -0.70
CA THR A 152 -13.40 -7.41 -1.74
C THR A 152 -13.65 -6.99 -3.18
N ASP A 153 -14.89 -6.80 -3.57
CA ASP A 153 -15.17 -6.40 -4.95
C ASP A 153 -14.80 -4.99 -5.25
N LEU A 154 -14.86 -4.14 -4.23
CA LEU A 154 -14.48 -2.72 -4.32
C LEU A 154 -12.96 -2.64 -4.45
N VAL A 155 -12.25 -3.43 -3.66
CA VAL A 155 -10.80 -3.47 -3.71
C VAL A 155 -10.40 -3.92 -5.11
N PHE A 156 -11.06 -4.95 -5.62
CA PHE A 156 -10.78 -5.49 -6.96
C PHE A 156 -11.11 -4.51 -8.03
N ALA A 157 -12.13 -3.70 -7.80
CA ALA A 157 -12.53 -2.69 -8.77
C ALA A 157 -11.53 -1.54 -8.73
N PHE A 158 -11.01 -1.21 -7.54
CA PHE A 158 -10.01 -0.15 -7.39
C PHE A 158 -8.72 -0.59 -8.08
N ALA A 159 -8.37 -1.87 -7.88
CA ALA A 159 -7.19 -2.45 -8.51
C ALA A 159 -7.36 -2.39 -10.02
N GLY A 160 -8.52 -2.79 -10.53
CA GLY A 160 -8.75 -2.75 -11.96
C GLY A 160 -8.57 -1.34 -12.51
N GLN A 161 -9.08 -0.35 -11.79
CA GLN A 161 -8.96 1.04 -12.23
C GLN A 161 -7.54 1.55 -12.12
N LEU A 162 -6.65 0.79 -11.49
CA LEU A 162 -5.25 1.20 -11.38
C LEU A 162 -4.53 0.79 -12.66
N LEU A 163 -4.98 -0.29 -13.28
CA LEU A 163 -4.39 -0.81 -14.51
C LEU A 163 -4.10 0.20 -15.62
N PRO A 164 -5.13 0.95 -16.09
CA PRO A 164 -4.97 1.95 -17.15
C PRO A 164 -3.83 2.93 -16.87
N LEU A 165 -3.51 3.13 -15.59
CA LEU A 165 -2.42 4.03 -15.22
C LEU A 165 -1.04 3.49 -15.62
N GLU A 166 -0.95 2.19 -15.86
CA GLU A 166 0.32 1.55 -16.27
C GLU A 166 1.57 2.10 -15.55
N MET A 167 1.49 2.20 -14.24
CA MET A 167 2.58 2.69 -13.41
C MET A 167 3.69 1.65 -13.25
N ASP A 168 4.93 2.10 -13.16
CA ASP A 168 6.03 1.15 -12.95
C ASP A 168 6.38 1.13 -11.47
N ASP A 169 7.42 0.40 -11.10
CA ASP A 169 7.82 0.30 -9.70
C ASP A 169 8.27 1.64 -9.10
N THR A 170 8.94 2.49 -9.87
CA THR A 170 9.37 3.76 -9.30
C THR A 170 8.15 4.66 -9.03
N GLU A 171 7.20 4.73 -9.96
CA GLU A 171 5.98 5.54 -9.81
C GLU A 171 5.19 5.06 -8.61
N THR A 172 5.07 3.75 -8.48
CA THR A 172 4.38 3.17 -7.34
C THR A 172 5.17 3.49 -6.05
N GLY A 173 6.50 3.41 -6.14
CA GLY A 173 7.33 3.71 -5.00
C GLY A 173 7.15 5.15 -4.62
N LEU A 174 7.17 6.04 -5.62
CA LEU A 174 7.00 7.49 -5.40
C LEU A 174 5.62 7.84 -4.87
N LEU A 175 4.59 7.22 -5.45
CA LEU A 175 3.21 7.43 -5.02
C LEU A 175 3.09 7.02 -3.55
N SER A 176 3.73 5.92 -3.16
CA SER A 176 3.69 5.49 -1.76
C SER A 176 4.39 6.47 -0.83
N ALA A 177 5.56 6.93 -1.23
CA ALA A 177 6.31 7.89 -0.42
C ALA A 177 5.47 9.18 -0.23
N ILE A 178 4.63 9.49 -1.21
CA ILE A 178 3.78 10.66 -1.14
C ILE A 178 2.61 10.45 -0.15
N CYS A 179 2.06 9.24 -0.11
CA CYS A 179 0.96 8.93 0.82
C CYS A 179 1.40 8.99 2.27
N LEU A 180 2.60 8.51 2.51
CA LEU A 180 3.18 8.45 3.83
C LEU A 180 3.65 9.80 4.36
N ILE A 181 4.42 10.53 3.56
CA ILE A 181 4.92 11.83 4.00
C ILE A 181 3.90 12.91 3.61
N CYS A 182 2.91 13.03 4.49
CA CYS A 182 1.81 13.96 4.33
C CYS A 182 1.77 14.80 5.57
N GLY A 183 1.82 16.11 5.42
CA GLY A 183 1.83 16.98 6.58
C GLY A 183 0.47 17.32 7.10
N ASP A 184 -0.55 16.77 6.48
CA ASP A 184 -1.90 17.05 6.91
C ASP A 184 -2.53 16.09 7.90
N ARG A 185 -1.69 15.24 8.48
CA ARG A 185 -2.18 14.29 9.46
C ARG A 185 -2.27 15.05 10.76
N MET A 186 -3.25 14.65 11.56
CA MET A 186 -3.49 15.24 12.86
C MET A 186 -2.39 14.69 13.76
N ASP A 187 -2.25 15.28 14.94
CA ASP A 187 -1.26 14.81 15.90
C ASP A 187 0.19 15.01 15.50
N LEU A 188 0.43 15.66 14.36
CA LEU A 188 1.80 15.91 13.94
C LEU A 188 2.36 17.06 14.72
N GLU A 189 3.59 16.89 15.19
CA GLU A 189 4.30 17.91 15.96
C GLU A 189 4.94 18.97 15.04
N GLU A 190 5.42 18.53 13.87
CA GLU A 190 6.07 19.44 12.92
C GLU A 190 5.50 19.21 11.53
N PRO A 191 4.24 19.64 11.28
CA PRO A 191 3.63 19.46 9.98
C PRO A 191 4.40 20.15 8.91
N GLU A 192 4.98 21.28 9.28
CA GLU A 192 5.77 22.08 8.34
C GLU A 192 6.96 21.29 7.80
N LYS A 193 7.62 20.53 8.66
CA LYS A 193 8.79 19.74 8.19
C LYS A 193 8.36 18.65 7.26
N VAL A 194 7.19 18.08 7.52
CA VAL A 194 6.67 17.01 6.70
C VAL A 194 6.31 17.57 5.33
N ASP A 195 5.72 18.75 5.29
CA ASP A 195 5.38 19.37 4.01
C ASP A 195 6.60 19.65 3.14
N LYS A 196 7.70 20.02 3.80
CA LYS A 196 8.94 20.33 3.11
C LYS A 196 9.54 19.06 2.56
N LEU A 197 9.31 17.95 3.27
CA LEU A 197 9.81 16.65 2.82
C LEU A 197 8.98 16.11 1.66
N GLN A 198 7.68 16.35 1.70
CA GLN A 198 6.85 15.84 0.64
C GLN A 198 7.12 16.50 -0.67
N GLU A 199 7.35 17.81 -0.63
CA GLU A 199 7.60 18.61 -1.84
C GLU A 199 8.48 17.94 -2.93
N PRO A 200 9.74 17.57 -2.62
CA PRO A 200 10.58 16.94 -3.64
C PRO A 200 9.97 15.68 -4.22
N LEU A 201 9.16 14.98 -3.42
CA LEU A 201 8.53 13.74 -3.86
C LEU A 201 7.49 14.07 -4.91
N LEU A 202 6.78 15.19 -4.76
CA LEU A 202 5.78 15.57 -5.74
C LEU A 202 6.50 15.91 -7.02
N GLU A 203 7.62 16.63 -6.90
CA GLU A 203 8.41 17.00 -8.06
C GLU A 203 9.01 15.81 -8.77
N ALA A 204 9.62 14.89 -8.04
CA ALA A 204 10.23 13.72 -8.67
C ALA A 204 9.22 12.94 -9.49
N LEU A 205 8.00 12.78 -8.96
CA LEU A 205 6.96 12.04 -9.67
C LEU A 205 6.48 12.70 -10.96
N ARG A 206 6.28 14.02 -10.95
CA ARG A 206 5.86 14.74 -12.15
C ARG A 206 6.96 14.65 -13.23
N LEU A 207 8.22 14.90 -12.85
CA LEU A 207 9.34 14.82 -13.77
C LEU A 207 9.43 13.42 -14.33
N TYR A 208 9.49 12.44 -13.43
CA TYR A 208 9.61 11.07 -13.87
C TYR A 208 8.43 10.63 -14.71
N ALA A 209 7.21 10.94 -14.27
CA ALA A 209 6.02 10.50 -15.00
C ALA A 209 5.92 11.09 -16.40
N ARG A 210 6.26 12.37 -16.52
CA ARG A 210 6.21 13.08 -17.79
C ARG A 210 7.33 12.69 -18.73
N ARG A 211 8.49 12.36 -18.17
CA ARG A 211 9.63 11.98 -18.98
C ARG A 211 9.34 10.63 -19.63
N ARG A 212 8.83 9.71 -18.82
CA ARG A 212 8.53 8.38 -19.25
C ARG A 212 7.39 8.34 -20.27
N ARG A 213 6.37 9.18 -20.08
CA ARG A 213 5.20 9.22 -20.97
C ARG A 213 4.77 10.61 -21.29
N PRO A 214 5.51 11.28 -22.17
CA PRO A 214 5.14 12.64 -22.54
C PRO A 214 3.89 12.67 -23.38
N SER A 215 3.52 11.50 -23.89
CA SER A 215 2.34 11.33 -24.76
C SER A 215 1.04 11.53 -24.01
N GLN A 216 1.11 11.44 -22.69
CA GLN A 216 -0.05 11.56 -21.83
C GLN A 216 0.23 12.43 -20.64
N PRO A 217 0.06 13.74 -20.79
CA PRO A 217 0.33 14.62 -19.66
C PRO A 217 -0.64 14.57 -18.47
N TYR A 218 -1.73 13.81 -18.57
CA TYR A 218 -2.65 13.72 -17.44
C TYR A 218 -2.27 12.64 -16.44
N MET A 219 -1.16 11.95 -16.65
CA MET A 219 -0.77 10.90 -15.72
C MET A 219 -0.45 11.42 -14.33
N PHE A 220 0.35 12.48 -14.22
CA PHE A 220 0.68 13.01 -12.91
C PHE A 220 -0.58 13.42 -12.10
N PRO A 221 -1.44 14.31 -12.65
CA PRO A 221 -2.62 14.64 -11.83
C PRO A 221 -3.50 13.42 -11.57
N ARG A 222 -3.50 12.46 -12.50
CA ARG A 222 -4.29 11.25 -12.34
C ARG A 222 -3.77 10.40 -11.20
N MET A 223 -2.45 10.31 -11.06
CA MET A 223 -1.91 9.52 -9.96
C MET A 223 -2.21 10.22 -8.66
N LEU A 224 -2.13 11.54 -8.68
CA LEU A 224 -2.40 12.28 -7.46
C LEU A 224 -3.84 12.09 -7.00
N MET A 225 -4.79 12.15 -7.93
CA MET A 225 -6.20 11.96 -7.60
C MET A 225 -6.45 10.58 -7.03
N LYS A 226 -5.66 9.60 -7.43
CA LYS A 226 -5.76 8.22 -6.95
C LYS A 226 -5.46 8.08 -5.47
N ILE A 227 -4.81 9.10 -4.91
CA ILE A 227 -4.44 9.12 -3.49
C ILE A 227 -5.75 9.27 -2.72
N THR A 228 -6.64 10.09 -3.26
CA THR A 228 -7.94 10.33 -2.68
C THR A 228 -8.76 9.06 -2.71
N ASP A 229 -8.73 8.32 -3.82
CA ASP A 229 -9.49 7.07 -3.91
C ASP A 229 -8.98 6.08 -2.87
N LEU A 230 -7.67 5.91 -2.85
CA LEU A 230 -7.00 5.02 -1.92
C LEU A 230 -7.34 5.33 -0.46
N ARG A 231 -7.45 6.60 -0.12
CA ARG A 231 -7.78 6.95 1.24
C ARG A 231 -9.25 6.54 1.51
N GLY A 232 -10.07 6.47 0.47
CA GLY A 232 -11.46 6.05 0.65
C GLY A 232 -11.66 4.54 0.86
N ILE A 233 -10.85 3.73 0.17
CA ILE A 233 -10.90 2.26 0.30
C ILE A 233 -10.29 1.85 1.63
N SER A 234 -9.23 2.53 2.07
CA SER A 234 -8.58 2.21 3.34
C SER A 234 -9.45 2.54 4.55
N THR A 235 -10.26 3.58 4.42
CA THR A 235 -11.16 3.93 5.50
C THR A 235 -12.22 2.86 5.55
N LYS A 236 -12.59 2.34 4.39
CA LYS A 236 -13.56 1.24 4.37
C LYS A 236 -12.86 -0.03 4.89
N GLY A 237 -11.55 -0.13 4.67
CA GLY A 237 -10.77 -1.24 5.19
C GLY A 237 -10.79 -1.19 6.71
N ALA A 238 -10.64 0.01 7.27
CA ALA A 238 -10.65 0.24 8.71
C ALA A 238 -11.97 -0.19 9.35
N GLU A 239 -13.07 0.11 8.67
CA GLU A 239 -14.43 -0.24 9.11
C GLU A 239 -14.57 -1.75 9.13
N ARG A 240 -13.95 -2.39 8.16
CA ARG A 240 -13.97 -3.84 8.05
C ARG A 240 -13.19 -4.49 9.18
N ALA A 241 -12.17 -3.82 9.69
CA ALA A 241 -11.37 -4.39 10.77
C ALA A 241 -12.25 -4.50 12.00
N ILE A 242 -13.21 -3.59 12.11
CA ILE A 242 -14.16 -3.58 13.22
C ILE A 242 -14.93 -4.90 13.25
N THR A 243 -15.81 -5.11 12.26
CA THR A 243 -16.58 -6.33 12.19
C THR A 243 -15.70 -7.55 12.23
N LEU A 244 -14.55 -7.47 11.55
CA LEU A 244 -13.61 -8.57 11.55
C LEU A 244 -13.20 -8.90 12.97
N LYS A 245 -12.98 -7.87 13.79
CA LYS A 245 -12.60 -8.10 15.17
C LYS A 245 -13.64 -8.97 15.84
N MET A 246 -14.92 -8.68 15.59
CA MET A 246 -15.98 -9.47 16.18
C MET A 246 -15.92 -10.93 15.67
N GLU A 247 -15.54 -11.11 14.40
CA GLU A 247 -15.49 -12.43 13.76
C GLU A 247 -14.29 -13.38 13.99
N ILE A 248 -13.13 -12.88 14.40
CA ILE A 248 -11.99 -13.78 14.62
C ILE A 248 -12.03 -14.34 16.04
N PRO A 249 -11.46 -15.54 16.25
CA PRO A 249 -11.42 -16.24 17.53
C PRO A 249 -10.30 -15.81 18.44
N GLY A 250 -9.56 -14.79 18.00
CA GLY A 250 -8.46 -14.28 18.80
C GLY A 250 -8.28 -12.81 18.48
N PRO A 251 -7.39 -12.11 19.18
CA PRO A 251 -7.20 -10.70 18.86
C PRO A 251 -6.41 -10.66 17.56
N MET A 252 -6.49 -9.55 16.83
CA MET A 252 -5.73 -9.43 15.60
C MET A 252 -4.23 -9.32 15.96
N PRO A 253 -3.31 -9.65 15.03
CA PRO A 253 -1.88 -9.55 15.28
C PRO A 253 -1.55 -8.17 15.83
N PRO A 254 -0.57 -8.08 16.74
CA PRO A 254 -0.19 -6.80 17.36
C PRO A 254 0.17 -5.62 16.45
N LEU A 255 0.94 -5.87 15.39
CA LEU A 255 1.32 -4.79 14.49
C LEU A 255 0.13 -4.31 13.71
N ILE A 256 -0.81 -5.21 13.44
CA ILE A 256 -2.02 -4.86 12.72
C ILE A 256 -2.86 -3.96 13.61
N ARG A 257 -2.86 -4.25 14.91
CA ARG A 257 -3.64 -3.46 15.85
C ARG A 257 -3.04 -2.07 16.00
N GLU A 258 -1.73 -1.99 16.00
CA GLU A 258 -1.06 -0.70 16.12
C GLU A 258 -1.46 0.16 14.94
N MET A 259 -1.47 -0.43 13.76
CA MET A 259 -1.81 0.29 12.55
C MET A 259 -3.21 0.89 12.56
N LEU A 260 -4.16 0.12 13.09
CA LEU A 260 -5.56 0.53 13.15
C LEU A 260 -5.90 1.46 14.33
N GLU A 261 -4.92 1.82 15.15
CA GLU A 261 -5.17 2.78 16.23
C GLU A 261 -4.64 4.08 15.64
N ASN A 262 -5.52 4.86 15.03
CA ASN A 262 -5.09 6.11 14.40
C ASN A 262 -6.26 7.06 14.10
N PRO A 263 -6.02 8.39 14.15
CA PRO A 263 -7.00 9.44 13.88
C PRO A 263 -7.35 9.41 12.39
#